data_6B0A
#
_entry.id   6B0A
#
_cell.length_a   82.100
_cell.length_b   39.503
_cell.length_c   101.845
_cell.angle_alpha   90.00
_cell.angle_beta   94.70
_cell.angle_gamma   90.00
#
_symmetry.space_group_name_H-M   'P 1 21 1'
#
loop_
_entity.id
_entity.type
_entity.pdbx_description
1 polymer '1269 antibody, heavy chain'
2 polymer '1269 antibody, light chain'
3 polymer '25 kDa ookinete surface antigen'
4 non-polymer GLYCEROL
5 water water
#
loop_
_entity_poly.entity_id
_entity_poly.type
_entity_poly.pdbx_seq_one_letter_code
_entity_poly.pdbx_strand_id
1 'polypeptide(L)'
;EVQLVESGGGLVQSGGSLRLSCAASGFTFSRNAMNWVRQAPGKGLEWVSTISGSGDSTYYADSVKGRFTISRDNSKNTLY
LQVNSLRAEDTAVYYCAKGDYYFDSGSYSFGMDVWGQGTTVTVSSASTKGPSVFPLAPSSKSTSGGTAALGCLVKDYFPE
PVTVSWNSGALTSGVHTFPAVLQSSGLYSLSSVVTVPSSSLGTQTYICNVNHKPSNTKVDKKVEPKSC
;
H
2 'polypeptide(L)'
;EIVLTQSPGTLSLSPGERATLSCRTSQSVSSSYLAWYQQKPGQAPRLLMYGASSRATGIPDRFSGSGSGTDFTLTISRLE
PEDFAVYYCQQYGNSFGQGTRLEIKRTVAAPSVFIFPPSDEQLKSGTASVVCLLNNFYPREAKVQWKVDNALQSGNSQES
VTEQDSKDSTYSLSSTLTLSKADYEKHKVYACEVTHQGLSSPVTKSFNRGEC
;
L
3 'polypeptide(L)'
;TGAKVTVDTVCKRGFLIQMSGHLECKCENDLVLVNEETCEEKVLKCDEKTVNKPCGDFSKCIKIDGNPVSYACKCNLGYD
MVNNVCIPNECKQVTCGNGKCILDTSNPVKTGVCSCNIGKVPNVQDQNKCSKDGETKCSLKCLKEQETCKAVDGIYKCDC
KDGFIIDQESSICTGTKHHHHHH
;
A
#
loop_
_chem_comp.id
_chem_comp.type
_chem_comp.name
_chem_comp.formula
GOL non-polymer GLYCEROL 'C3 H8 O3'
#
# COMPACT_ATOMS: atom_id res chain seq x y z
N GLU A 1 4.56 20.46 5.68
CA GLU A 1 5.00 19.20 5.09
C GLU A 1 3.99 18.71 4.06
N VAL A 2 4.27 17.55 3.48
CA VAL A 2 3.39 16.96 2.47
C VAL A 2 2.22 16.28 3.17
N GLN A 3 1.01 16.54 2.67
CA GLN A 3 -0.20 16.02 3.29
C GLN A 3 -1.15 15.50 2.22
N LEU A 4 -1.77 14.36 2.50
CA LEU A 4 -2.83 13.80 1.66
C LEU A 4 -4.01 13.47 2.57
N VAL A 5 -5.15 14.11 2.32
CA VAL A 5 -6.36 13.93 3.12
C VAL A 5 -7.47 13.43 2.21
N GLU A 6 -8.04 12.28 2.54
CA GLU A 6 -9.04 11.63 1.71
C GLU A 6 -10.42 11.78 2.31
N SER A 7 -11.43 11.81 1.43
CA SER A 7 -12.81 11.92 1.85
C SER A 7 -13.69 11.39 0.72
N GLY A 8 -14.94 11.07 1.07
CA GLY A 8 -15.89 10.53 0.12
C GLY A 8 -16.37 9.12 0.42
N GLY A 9 -15.92 8.49 1.50
CA GLY A 9 -16.37 7.16 1.85
C GLY A 9 -17.73 7.20 2.53
N GLY A 10 -18.15 6.02 2.99
CA GLY A 10 -19.42 5.88 3.66
C GLY A 10 -20.20 4.67 3.18
N LEU A 11 -21.39 4.45 3.74
CA LEU A 11 -22.21 3.32 3.32
C LEU A 11 -22.96 3.65 2.03
N VAL A 12 -23.11 2.65 1.18
CA VAL A 12 -23.80 2.81 -0.09
C VAL A 12 -24.35 1.46 -0.51
N GLN A 13 -25.58 1.46 -1.02
CA GLN A 13 -26.21 0.21 -1.42
C GLN A 13 -25.46 -0.44 -2.58
N SER A 14 -25.73 -1.72 -2.78
CA SER A 14 -25.10 -2.47 -3.86
C SER A 14 -25.51 -1.89 -5.20
N GLY A 15 -24.51 -1.59 -6.04
CA GLY A 15 -24.75 -0.99 -7.34
C GLY A 15 -24.79 0.51 -7.35
N GLY A 16 -24.55 1.17 -6.22
CA GLY A 16 -24.53 2.61 -6.16
C GLY A 16 -23.24 3.21 -6.68
N SER A 17 -23.16 4.53 -6.63
CA SER A 17 -22.00 5.27 -7.11
C SER A 17 -21.34 6.01 -5.95
N LEU A 18 -20.06 6.30 -6.12
CA LEU A 18 -19.30 7.02 -5.10
C LEU A 18 -18.22 7.84 -5.79
N ARG A 19 -17.84 8.95 -5.15
CA ARG A 19 -16.78 9.82 -5.66
C ARG A 19 -15.80 10.09 -4.52
N LEU A 20 -14.65 9.42 -4.55
CA LEU A 20 -13.61 9.64 -3.57
C LEU A 20 -12.71 10.80 -4.01
N SER A 21 -12.13 11.47 -3.02
CA SER A 21 -11.24 12.59 -3.29
C SER A 21 -10.06 12.53 -2.34
N CYS A 22 -8.97 13.18 -2.74
CA CYS A 22 -7.72 13.18 -1.98
C CYS A 22 -7.12 14.57 -2.11
N ALA A 23 -7.14 15.33 -1.01
CA ALA A 23 -6.65 16.71 -1.01
C ALA A 23 -5.16 16.71 -0.69
N ALA A 24 -4.36 17.26 -1.59
CA ALA A 24 -2.92 17.29 -1.45
C ALA A 24 -2.44 18.68 -1.06
N SER A 25 -1.41 18.74 -0.22
CA SER A 25 -0.82 20.01 0.18
C SER A 25 0.63 19.78 0.60
N GLY A 26 1.45 20.79 0.37
CA GLY A 26 2.86 20.74 0.73
C GLY A 26 3.81 20.45 -0.40
N PHE A 27 3.35 20.41 -1.64
CA PHE A 27 4.22 20.14 -2.78
C PHE A 27 3.51 20.54 -4.06
N THR A 28 4.29 20.76 -5.11
CA THR A 28 3.74 21.05 -6.43
C THR A 28 3.04 19.81 -6.93
N PHE A 29 1.70 19.83 -6.86
CA PHE A 29 0.90 18.64 -7.11
C PHE A 29 1.08 18.13 -8.54
N SER A 30 1.22 19.04 -9.51
CA SER A 30 1.13 18.67 -10.91
C SER A 30 2.33 17.86 -11.41
N ARG A 31 3.44 17.84 -10.66
CA ARG A 31 4.64 17.19 -11.14
C ARG A 31 4.76 15.74 -10.69
N ASN A 32 3.82 15.23 -9.90
CA ASN A 32 3.90 13.89 -9.35
C ASN A 32 2.69 13.07 -9.76
N ALA A 33 2.94 11.84 -10.20
CA ALA A 33 1.86 10.91 -10.47
C ALA A 33 1.21 10.49 -9.15
N MET A 34 -0.09 10.21 -9.21
CA MET A 34 -0.87 9.84 -8.05
C MET A 34 -1.46 8.45 -8.22
N ASN A 35 -1.81 7.84 -7.09
CA ASN A 35 -2.24 6.45 -7.08
C ASN A 35 -3.38 6.25 -6.10
N TRP A 36 -4.24 5.28 -6.41
CA TRP A 36 -5.25 4.78 -5.49
C TRP A 36 -4.91 3.33 -5.13
N VAL A 37 -4.88 3.04 -3.84
CA VAL A 37 -4.60 1.69 -3.34
C VAL A 37 -5.66 1.36 -2.29
N ARG A 38 -6.33 0.22 -2.47
CA ARG A 38 -7.38 -0.20 -1.57
C ARG A 38 -7.01 -1.50 -0.89
N GLN A 39 -7.70 -1.79 0.22
CA GLN A 39 -7.42 -3.00 1.00
C GLN A 39 -8.72 -3.44 1.66
N ALA A 40 -9.28 -4.55 1.18
CA ALA A 40 -10.48 -5.11 1.78
C ALA A 40 -10.18 -5.62 3.19
N PRO A 41 -11.21 -5.72 4.03
CA PRO A 41 -10.97 -6.16 5.42
C PRO A 41 -10.32 -7.53 5.47
N GLY A 42 -9.25 -7.62 6.25
CA GLY A 42 -8.51 -8.86 6.39
C GLY A 42 -7.73 -9.29 5.17
N LYS A 43 -7.69 -8.48 4.12
CA LYS A 43 -6.99 -8.81 2.88
C LYS A 43 -5.75 -7.93 2.73
N GLY A 44 -5.06 -8.10 1.60
CA GLY A 44 -3.84 -7.37 1.33
C GLY A 44 -4.07 -6.17 0.44
N LEU A 45 -2.98 -5.44 0.19
CA LEU A 45 -3.05 -4.25 -0.63
C LEU A 45 -3.34 -4.62 -2.09
N GLU A 46 -4.16 -3.81 -2.74
CA GLU A 46 -4.50 -4.00 -4.15
C GLU A 46 -4.45 -2.65 -4.85
N TRP A 47 -3.53 -2.52 -5.81
CA TRP A 47 -3.42 -1.30 -6.59
C TRP A 47 -4.66 -1.14 -7.47
N VAL A 48 -5.26 0.05 -7.44
CA VAL A 48 -6.50 0.31 -8.16
C VAL A 48 -6.19 1.01 -9.48
N SER A 49 -5.57 2.18 -9.42
CA SER A 49 -5.33 2.97 -10.61
C SER A 49 -4.25 4.01 -10.34
N THR A 50 -3.63 4.48 -11.42
CA THR A 50 -2.57 5.48 -11.36
C THR A 50 -2.79 6.49 -12.47
N ILE A 51 -2.53 7.76 -12.17
CA ILE A 51 -2.68 8.85 -13.12
C ILE A 51 -1.37 9.63 -13.18
N SER A 52 -1.00 10.10 -14.36
CA SER A 52 0.24 10.85 -14.53
C SER A 52 0.09 12.25 -13.94
N GLY A 53 1.21 12.99 -13.95
CA GLY A 53 1.21 14.31 -13.33
C GLY A 53 0.31 15.30 -14.04
N SER A 54 0.27 15.23 -15.37
CA SER A 54 -0.60 16.10 -16.16
C SER A 54 -2.01 15.54 -16.30
N GLY A 55 -2.23 14.29 -15.91
CA GLY A 55 -3.52 13.66 -16.06
C GLY A 55 -3.80 13.09 -17.44
N ASP A 56 -2.90 13.30 -18.40
CA ASP A 56 -3.15 12.81 -19.75
C ASP A 56 -2.94 11.30 -19.87
N SER A 57 -2.25 10.69 -18.91
CA SER A 57 -2.01 9.25 -18.90
C SER A 57 -2.65 8.66 -17.67
N THR A 58 -3.55 7.69 -17.87
CA THR A 58 -4.21 6.99 -16.78
C THR A 58 -3.98 5.50 -16.91
N TYR A 59 -3.97 4.81 -15.77
CA TYR A 59 -3.69 3.39 -15.70
C TYR A 59 -4.67 2.76 -14.73
N TYR A 60 -5.15 1.56 -15.06
CA TYR A 60 -6.17 0.90 -14.27
C TYR A 60 -5.81 -0.58 -14.11
N ALA A 61 -6.18 -1.13 -12.94
CA ALA A 61 -6.09 -2.56 -12.74
C ALA A 61 -7.29 -3.25 -13.37
N ASP A 62 -7.08 -4.50 -13.79
CA ASP A 62 -8.14 -5.25 -14.48
C ASP A 62 -9.38 -5.41 -13.61
N SER A 63 -9.19 -5.49 -12.29
CA SER A 63 -10.32 -5.70 -11.40
C SER A 63 -11.22 -4.48 -11.27
N VAL A 64 -10.79 -3.31 -11.75
CA VAL A 64 -11.54 -2.07 -11.59
C VAL A 64 -11.87 -1.41 -12.91
N LYS A 65 -11.41 -1.94 -14.04
CA LYS A 65 -11.70 -1.32 -15.33
C LYS A 65 -13.20 -1.35 -15.62
N GLY A 66 -13.69 -0.27 -16.20
CA GLY A 66 -15.10 -0.18 -16.53
C GLY A 66 -15.92 0.58 -15.51
N ARG A 67 -15.76 0.22 -14.24
CA ARG A 67 -16.51 0.86 -13.15
C ARG A 67 -15.79 2.07 -12.60
N PHE A 68 -14.50 1.94 -12.30
CA PHE A 68 -13.73 3.01 -11.67
C PHE A 68 -13.18 3.97 -12.72
N THR A 69 -12.94 5.20 -12.27
CA THR A 69 -12.39 6.24 -13.13
C THR A 69 -11.55 7.17 -12.26
N ILE A 70 -10.30 7.37 -12.65
CA ILE A 70 -9.37 8.22 -11.91
C ILE A 70 -9.19 9.52 -12.67
N SER A 71 -9.05 10.63 -11.94
CA SER A 71 -8.86 11.94 -12.53
C SER A 71 -8.24 12.85 -11.50
N ARG A 72 -7.81 14.03 -11.95
CA ARG A 72 -7.16 14.99 -11.07
C ARG A 72 -7.43 16.41 -11.57
N ASP A 73 -7.49 17.34 -10.63
CA ASP A 73 -7.68 18.77 -10.91
C ASP A 73 -6.47 19.49 -10.33
N ASN A 74 -5.47 19.76 -11.17
CA ASN A 74 -4.25 20.40 -10.69
C ASN A 74 -4.47 21.82 -10.21
N SER A 75 -5.57 22.46 -10.61
CA SER A 75 -5.88 23.79 -10.11
C SER A 75 -6.25 23.75 -8.64
N LYS A 76 -6.79 22.63 -8.17
CA LYS A 76 -7.19 22.48 -6.77
C LYS A 76 -6.30 21.51 -6.00
N ASN A 77 -5.30 20.93 -6.66
CA ASN A 77 -4.40 19.94 -6.03
C ASN A 77 -5.20 18.79 -5.43
N THR A 78 -6.12 18.24 -6.21
CA THR A 78 -7.02 17.20 -5.75
C THR A 78 -7.01 16.02 -6.71
N LEU A 79 -6.96 14.81 -6.15
CA LEU A 79 -7.13 13.57 -6.89
C LEU A 79 -8.53 13.02 -6.64
N TYR A 80 -9.11 12.39 -7.66
CA TYR A 80 -10.47 11.87 -7.57
C TYR A 80 -10.51 10.41 -7.99
N LEU A 81 -11.56 9.72 -7.53
CA LEU A 81 -11.84 8.34 -7.93
C LEU A 81 -13.34 8.21 -8.08
N GLN A 82 -13.82 8.24 -9.31
CA GLN A 82 -15.24 8.10 -9.61
C GLN A 82 -15.57 6.64 -9.85
N VAL A 83 -16.63 6.15 -9.19
CA VAL A 83 -17.07 4.77 -9.30
C VAL A 83 -18.57 4.75 -9.58
N ASN A 84 -18.99 3.80 -10.42
CA ASN A 84 -20.40 3.53 -10.65
C ASN A 84 -20.62 2.03 -10.62
N SER A 85 -21.84 1.64 -10.22
CA SER A 85 -22.21 0.23 -10.06
C SER A 85 -21.19 -0.51 -9.19
N LEU A 86 -21.24 -0.18 -7.91
CA LEU A 86 -20.31 -0.74 -6.94
C LEU A 86 -20.69 -2.18 -6.61
N ARG A 87 -19.71 -3.08 -6.64
CA ARG A 87 -19.92 -4.46 -6.26
C ARG A 87 -19.61 -4.65 -4.78
N ALA A 88 -20.14 -5.73 -4.22
CA ALA A 88 -19.95 -6.00 -2.79
C ALA A 88 -18.47 -6.17 -2.44
N GLU A 89 -17.66 -6.61 -3.39
CA GLU A 89 -16.23 -6.80 -3.14
C GLU A 89 -15.47 -5.49 -3.05
N ASP A 90 -16.12 -4.35 -3.31
CA ASP A 90 -15.44 -3.07 -3.27
C ASP A 90 -15.27 -2.54 -1.84
N THR A 91 -15.87 -3.18 -0.85
CA THR A 91 -15.69 -2.77 0.55
C THR A 91 -14.21 -2.81 0.92
N ALA A 92 -13.60 -1.63 1.08
CA ALA A 92 -12.17 -1.56 1.35
C ALA A 92 -11.83 -0.17 1.85
N VAL A 93 -10.64 -0.06 2.45
CA VAL A 93 -10.06 1.23 2.79
C VAL A 93 -9.28 1.71 1.57
N TYR A 94 -9.62 2.90 1.08
CA TYR A 94 -9.03 3.43 -0.14
C TYR A 94 -8.02 4.51 0.22
N TYR A 95 -6.74 4.21 0.00
CA TYR A 95 -5.65 5.14 0.20
C TYR A 95 -5.29 5.84 -1.10
N CYS A 96 -4.83 7.08 -0.99
CA CYS A 96 -4.12 7.74 -2.07
C CYS A 96 -2.63 7.83 -1.72
N ALA A 97 -1.79 7.79 -2.75
CA ALA A 97 -0.35 7.80 -2.56
C ALA A 97 0.30 8.70 -3.61
N LYS A 98 1.36 9.39 -3.21
CA LYS A 98 2.14 10.19 -4.14
C LYS A 98 3.23 9.32 -4.74
N GLY A 99 3.31 9.31 -6.08
CA GLY A 99 4.35 8.59 -6.76
C GLY A 99 5.52 9.47 -7.13
N ASP A 100 6.67 9.26 -6.49
CA ASP A 100 7.87 10.04 -6.74
C ASP A 100 9.05 9.10 -6.94
N TYR A 101 10.23 9.68 -7.10
CA TYR A 101 11.43 8.90 -7.33
C TYR A 101 12.55 9.38 -6.41
N TYR A 102 13.62 8.59 -6.38
CA TYR A 102 14.83 8.91 -5.62
C TYR A 102 16.01 8.52 -6.49
N PHE A 103 16.77 9.50 -6.97
CA PHE A 103 17.93 9.24 -7.82
C PHE A 103 19.08 8.77 -6.93
N ASP A 104 19.31 7.47 -6.92
CA ASP A 104 20.36 6.87 -6.10
C ASP A 104 21.27 6.04 -6.99
N SER A 105 22.53 6.46 -7.10
CA SER A 105 23.57 5.73 -7.81
C SER A 105 23.17 5.39 -9.25
N GLY A 106 23.01 6.45 -10.03
CA GLY A 106 22.84 6.34 -11.47
C GLY A 106 21.45 5.95 -11.95
N SER A 107 20.50 5.68 -11.05
CA SER A 107 19.18 5.21 -11.45
C SER A 107 18.08 6.00 -10.75
N TYR A 108 16.97 6.16 -11.46
CA TYR A 108 15.77 6.81 -10.91
C TYR A 108 14.86 5.71 -10.36
N SER A 109 14.89 5.53 -9.05
CA SER A 109 14.12 4.49 -8.37
C SER A 109 12.80 5.07 -7.86
N PHE A 110 11.69 4.44 -8.22
CA PHE A 110 10.37 4.97 -7.97
C PHE A 110 9.66 4.21 -6.86
N GLY A 111 8.66 4.85 -6.28
CA GLY A 111 7.85 4.25 -5.24
C GLY A 111 6.80 5.24 -4.77
N MET A 112 5.90 4.75 -3.93
CA MET A 112 4.83 5.56 -3.34
C MET A 112 5.26 5.90 -1.91
N ASP A 113 5.83 7.09 -1.74
CA ASP A 113 6.44 7.47 -0.47
C ASP A 113 5.47 8.15 0.49
N VAL A 114 4.54 8.96 -0.02
CA VAL A 114 3.58 9.68 0.81
C VAL A 114 2.21 9.05 0.63
N TRP A 115 1.56 8.71 1.74
CA TRP A 115 0.25 8.10 1.74
C TRP A 115 -0.73 8.97 2.52
N GLY A 116 -2.02 8.78 2.23
CA GLY A 116 -3.08 9.39 3.00
C GLY A 116 -3.59 8.47 4.09
N GLN A 117 -4.53 8.99 4.88
CA GLN A 117 -5.08 8.21 5.99
C GLN A 117 -6.08 7.17 5.53
N GLY A 118 -6.62 7.30 4.31
CA GLY A 118 -7.56 6.34 3.79
C GLY A 118 -9.01 6.62 4.18
N THR A 119 -9.91 6.47 3.22
CA THR A 119 -11.34 6.59 3.48
C THR A 119 -12.02 5.25 3.24
N THR A 120 -12.91 4.88 4.15
CA THR A 120 -13.55 3.58 4.11
C THR A 120 -14.86 3.65 3.33
N VAL A 121 -15.01 2.74 2.36
CA VAL A 121 -16.26 2.57 1.64
C VAL A 121 -16.88 1.25 2.05
N THR A 122 -18.21 1.21 2.13
CA THR A 122 -18.94 0.02 2.57
C THR A 122 -20.14 -0.17 1.66
N VAL A 123 -20.12 -1.24 0.88
CA VAL A 123 -21.22 -1.57 -0.03
C VAL A 123 -22.03 -2.68 0.62
N SER A 124 -23.27 -2.37 0.96
CA SER A 124 -24.17 -3.31 1.62
C SER A 124 -25.58 -2.75 1.59
N SER A 125 -26.56 -3.65 1.54
CA SER A 125 -27.96 -3.27 1.62
C SER A 125 -28.47 -3.28 3.06
N ALA A 126 -27.59 -3.46 4.04
CA ALA A 126 -27.98 -3.43 5.43
C ALA A 126 -28.09 -1.99 5.92
N SER A 127 -28.97 -1.77 6.88
CA SER A 127 -29.21 -0.45 7.45
C SER A 127 -28.43 -0.28 8.75
N THR A 128 -28.17 0.98 9.10
CA THR A 128 -27.45 1.29 10.31
C THR A 128 -28.24 0.87 11.53
N LYS A 129 -27.66 -0.02 12.35
CA LYS A 129 -28.29 -0.52 13.55
C LYS A 129 -27.33 -0.40 14.72
N GLY A 130 -27.86 0.00 15.87
CA GLY A 130 -27.06 0.10 17.07
C GLY A 130 -26.69 -1.26 17.62
N PRO A 131 -25.61 -1.32 18.40
CA PRO A 131 -25.18 -2.59 18.97
C PRO A 131 -26.00 -2.98 20.18
N SER A 132 -26.10 -4.29 20.40
CA SER A 132 -26.74 -4.87 21.56
C SER A 132 -25.70 -5.61 22.37
N VAL A 133 -25.51 -5.20 23.62
CA VAL A 133 -24.44 -5.72 24.46
C VAL A 133 -25.00 -6.79 25.40
N PHE A 134 -24.26 -7.87 25.56
CA PHE A 134 -24.65 -8.97 26.44
C PHE A 134 -23.45 -9.37 27.31
N PRO A 135 -23.70 -9.69 28.58
CA PRO A 135 -22.59 -10.04 29.47
C PRO A 135 -22.04 -11.42 29.18
N LEU A 136 -20.79 -11.62 29.58
CA LEU A 136 -20.13 -12.92 29.56
C LEU A 136 -19.75 -13.23 31.00
N ALA A 137 -20.68 -13.85 31.72
CA ALA A 137 -20.51 -14.05 33.16
C ALA A 137 -19.42 -15.09 33.44
N PRO A 138 -18.45 -14.79 34.28
CA PRO A 138 -17.45 -15.78 34.65
C PRO A 138 -17.97 -16.79 35.66
N SER A 139 -17.41 -17.99 35.62
CA SER A 139 -17.80 -19.05 36.54
C SER A 139 -17.29 -18.77 37.94
N THR A 147 -7.07 -17.22 37.76
CA THR A 147 -7.56 -16.00 37.14
C THR A 147 -8.75 -16.29 36.23
N ALA A 148 -9.90 -15.72 36.57
CA ALA A 148 -11.12 -15.92 35.80
C ALA A 148 -11.15 -14.98 34.60
N ALA A 149 -12.17 -15.14 33.75
CA ALA A 149 -12.30 -14.34 32.55
C ALA A 149 -13.76 -13.93 32.37
N LEU A 150 -13.98 -12.66 32.06
CA LEU A 150 -15.31 -12.14 31.75
C LEU A 150 -15.20 -11.20 30.56
N GLY A 151 -16.32 -11.00 29.88
CA GLY A 151 -16.30 -10.18 28.69
C GLY A 151 -17.67 -9.64 28.34
N CYS A 152 -17.73 -9.01 27.17
CA CYS A 152 -18.97 -8.47 26.62
C CYS A 152 -19.13 -8.92 25.18
N LEU A 153 -20.38 -9.12 24.77
CA LEU A 153 -20.72 -9.59 23.43
C LEU A 153 -21.46 -8.46 22.71
N VAL A 154 -20.76 -7.79 21.79
CA VAL A 154 -21.34 -6.72 20.98
C VAL A 154 -21.96 -7.38 19.75
N LYS A 155 -23.28 -7.46 19.71
CA LYS A 155 -24.00 -8.28 18.76
C LYS A 155 -24.90 -7.42 17.87
N ASP A 156 -24.79 -7.63 16.56
CA ASP A 156 -25.72 -7.08 15.57
C ASP A 156 -25.66 -5.55 15.56
N TYR A 157 -24.54 -5.04 15.05
CA TYR A 157 -24.36 -3.63 14.81
C TYR A 157 -23.91 -3.42 13.36
N PHE A 158 -24.14 -2.22 12.85
CA PHE A 158 -23.75 -1.92 11.47
C PHE A 158 -23.71 -0.41 11.28
N PRO A 159 -22.70 0.14 10.61
CA PRO A 159 -21.54 -0.63 10.15
C PRO A 159 -20.37 -0.55 11.13
N GLU A 160 -19.18 -0.95 10.68
CA GLU A 160 -17.98 -0.78 11.49
C GLU A 160 -17.68 0.71 11.68
N PRO A 161 -17.00 1.07 12.77
CA PRO A 161 -16.52 0.22 13.85
C PRO A 161 -17.21 0.45 15.19
N VAL A 162 -16.84 -0.35 16.18
CA VAL A 162 -17.24 -0.15 17.56
C VAL A 162 -15.98 -0.08 18.42
N THR A 163 -15.95 0.87 19.34
CA THR A 163 -14.84 1.02 20.29
C THR A 163 -15.28 0.46 21.63
N VAL A 164 -14.55 -0.54 22.13
CA VAL A 164 -14.86 -1.20 23.38
C VAL A 164 -13.75 -0.90 24.38
N SER A 165 -14.14 -0.37 25.54
CA SER A 165 -13.24 -0.18 26.67
C SER A 165 -13.86 -0.84 27.89
N TRP A 166 -13.12 -0.83 28.99
CA TRP A 166 -13.57 -1.47 30.23
C TRP A 166 -13.39 -0.50 31.39
N ASN A 167 -14.48 -0.28 32.12
CA ASN A 167 -14.50 0.63 33.26
C ASN A 167 -14.08 2.04 32.85
N SER A 168 -14.45 2.40 31.62
CA SER A 168 -14.11 3.71 31.04
C SER A 168 -12.61 3.98 31.18
N GLY A 169 -11.81 3.05 30.68
CA GLY A 169 -10.38 3.13 30.85
C GLY A 169 -9.94 2.57 32.19
N ALA A 170 -8.64 2.75 32.47
CA ALA A 170 -8.00 2.28 33.69
C ALA A 170 -8.12 0.77 33.88
N LEU A 171 -8.39 0.03 32.80
CA LEU A 171 -8.43 -1.43 32.80
C LEU A 171 -8.00 -1.89 31.40
N THR A 172 -6.70 -1.84 31.16
CA THR A 172 -6.13 -2.19 29.86
C THR A 172 -5.25 -3.43 29.90
N SER A 173 -4.94 -3.95 31.08
CA SER A 173 -4.10 -5.15 31.19
C SER A 173 -4.96 -6.39 31.01
N GLY A 174 -4.58 -7.23 30.05
CA GLY A 174 -5.30 -8.47 29.83
C GLY A 174 -6.61 -8.32 29.09
N VAL A 175 -6.82 -7.22 28.37
CA VAL A 175 -8.03 -7.00 27.60
C VAL A 175 -7.79 -7.45 26.16
N HIS A 176 -8.82 -8.05 25.56
CA HIS A 176 -8.74 -8.50 24.18
C HIS A 176 -10.07 -8.19 23.50
N THR A 177 -10.07 -7.20 22.62
CA THR A 177 -11.24 -6.90 21.77
C THR A 177 -10.99 -7.59 20.44
N PHE A 178 -11.70 -8.70 20.21
CA PHE A 178 -11.49 -9.49 19.02
C PHE A 178 -12.02 -8.74 17.79
N PRO A 179 -11.48 -9.04 16.61
CA PRO A 179 -12.02 -8.44 15.38
C PRO A 179 -13.45 -8.91 15.13
N ALA A 180 -14.20 -8.08 14.41
CA ALA A 180 -15.60 -8.41 14.13
C ALA A 180 -15.70 -9.39 12.98
N VAL A 181 -16.82 -10.11 12.94
CA VAL A 181 -17.16 -11.02 11.86
C VAL A 181 -18.45 -10.54 11.21
N LEU A 182 -18.54 -10.67 9.90
CA LEU A 182 -19.73 -10.27 9.15
C LEU A 182 -20.68 -11.45 9.09
N GLN A 183 -21.72 -11.42 9.93
CA GLN A 183 -22.66 -12.52 10.01
C GLN A 183 -23.46 -12.64 8.72
N SER A 184 -24.18 -13.76 8.60
CA SER A 184 -24.95 -14.03 7.38
C SER A 184 -26.05 -13.00 7.18
N SER A 185 -26.55 -12.40 8.26
CA SER A 185 -27.59 -11.39 8.14
C SER A 185 -27.05 -10.06 7.63
N GLY A 186 -25.74 -9.92 7.47
CA GLY A 186 -25.14 -8.67 7.04
C GLY A 186 -24.76 -7.73 8.16
N LEU A 187 -24.84 -8.16 9.41
CA LEU A 187 -24.53 -7.33 10.56
C LEU A 187 -23.26 -7.84 11.25
N TYR A 188 -22.49 -6.90 11.79
CA TYR A 188 -21.24 -7.24 12.44
C TYR A 188 -21.49 -7.64 13.89
N SER A 189 -20.52 -8.39 14.43
CA SER A 189 -20.59 -8.84 15.82
C SER A 189 -19.20 -9.23 16.28
N LEU A 190 -18.76 -8.66 17.39
CA LEU A 190 -17.47 -8.99 17.97
C LEU A 190 -17.61 -9.14 19.47
N SER A 191 -16.63 -9.80 20.07
CA SER A 191 -16.57 -9.97 21.52
C SER A 191 -15.35 -9.23 22.06
N SER A 192 -15.38 -8.96 23.37
CA SER A 192 -14.28 -8.30 24.04
C SER A 192 -14.21 -8.84 25.46
N VAL A 193 -13.08 -9.47 25.80
CA VAL A 193 -12.92 -10.14 27.09
C VAL A 193 -11.70 -9.57 27.80
N VAL A 194 -11.69 -9.76 29.12
CA VAL A 194 -10.58 -9.32 29.96
C VAL A 194 -10.44 -10.33 31.10
N THR A 195 -9.20 -10.69 31.40
CA THR A 195 -8.90 -11.67 32.44
C THR A 195 -8.46 -10.96 33.71
N VAL A 196 -9.08 -11.31 34.83
CA VAL A 196 -8.74 -10.77 36.13
C VAL A 196 -8.64 -11.92 37.12
N PRO A 197 -7.82 -11.80 38.18
CA PRO A 197 -7.77 -12.87 39.18
C PRO A 197 -9.12 -13.10 39.83
N SER A 198 -9.37 -14.36 40.22
CA SER A 198 -10.66 -14.73 40.77
C SER A 198 -10.96 -14.02 42.09
N SER A 199 -9.94 -13.50 42.76
CA SER A 199 -10.13 -12.74 43.99
C SER A 199 -10.63 -11.32 43.73
N SER A 200 -11.05 -11.01 42.51
CA SER A 200 -11.58 -9.70 42.17
C SER A 200 -13.07 -9.70 41.93
N LEU A 201 -13.69 -10.86 41.78
CA LEU A 201 -15.12 -10.94 41.48
C LEU A 201 -15.93 -10.64 42.74
N GLY A 202 -17.00 -9.86 42.57
CA GLY A 202 -17.86 -9.48 43.66
C GLY A 202 -17.41 -8.27 44.45
N THR A 203 -16.13 -7.91 44.37
CA THR A 203 -15.61 -6.75 45.06
C THR A 203 -15.38 -5.55 44.14
N GLN A 204 -15.06 -5.80 42.88
CA GLN A 204 -14.83 -4.74 41.90
C GLN A 204 -15.85 -4.84 40.79
N THR A 205 -16.47 -3.71 40.45
CA THR A 205 -17.46 -3.67 39.38
C THR A 205 -16.77 -3.60 38.02
N TYR A 206 -17.23 -4.43 37.08
CA TYR A 206 -16.69 -4.47 35.73
C TYR A 206 -17.78 -4.09 34.74
N ILE A 207 -17.55 -2.99 34.02
CA ILE A 207 -18.46 -2.54 32.97
C ILE A 207 -17.65 -2.42 31.68
N CYS A 208 -18.36 -2.55 30.55
CA CYS A 208 -17.75 -2.39 29.24
C CYS A 208 -18.45 -1.25 28.50
N ASN A 209 -17.67 -0.37 27.89
CA ASN A 209 -18.18 0.79 27.20
C ASN A 209 -18.13 0.53 25.70
N VAL A 210 -19.30 0.27 25.10
CA VAL A 210 -19.42 -0.02 23.68
C VAL A 210 -19.94 1.24 23.00
N ASN A 211 -19.04 1.99 22.37
CA ASN A 211 -19.38 3.22 21.69
C ASN A 211 -19.42 2.95 20.19
N HIS A 212 -20.58 3.16 19.58
CA HIS A 212 -20.79 2.94 18.15
C HIS A 212 -21.16 4.26 17.51
N LYS A 213 -20.18 4.91 16.89
CA LYS A 213 -20.42 6.23 16.30
C LYS A 213 -21.44 6.24 15.17
N PRO A 214 -21.47 5.29 14.22
CA PRO A 214 -22.45 5.38 13.13
C PRO A 214 -23.90 5.44 13.60
N SER A 215 -24.20 5.13 14.85
CA SER A 215 -25.52 5.31 15.42
C SER A 215 -25.51 6.19 16.67
N ASN A 216 -24.35 6.70 17.06
CA ASN A 216 -24.20 7.50 18.29
C ASN A 216 -24.77 6.75 19.49
N THR A 217 -24.40 5.48 19.59
CA THR A 217 -24.88 4.60 20.65
C THR A 217 -23.70 4.22 21.55
N LYS A 218 -23.85 4.48 22.85
CA LYS A 218 -22.86 4.09 23.84
C LYS A 218 -23.58 3.33 24.96
N VAL A 219 -23.34 2.03 25.04
CA VAL A 219 -23.96 1.16 26.03
C VAL A 219 -22.91 0.77 27.06
N ASP A 220 -23.28 0.85 28.33
CA ASP A 220 -22.40 0.49 29.45
C ASP A 220 -23.04 -0.66 30.20
N LYS A 221 -22.82 -1.88 29.72
CA LYS A 221 -23.39 -3.08 30.33
C LYS A 221 -22.40 -3.65 31.34
N LYS A 222 -22.83 -3.77 32.59
CA LYS A 222 -21.98 -4.31 33.64
C LYS A 222 -22.05 -5.83 33.64
N VAL A 223 -20.91 -6.47 33.92
CA VAL A 223 -20.81 -7.92 34.02
C VAL A 223 -20.60 -8.29 35.47
N GLU A 224 -21.32 -9.33 35.91
CA GLU A 224 -21.26 -9.80 37.29
C GLU A 224 -21.39 -11.33 37.28
N PRO A 225 -20.83 -12.00 38.28
CA PRO A 225 -20.94 -13.47 38.33
C PRO A 225 -22.39 -13.92 38.41
N LYS A 226 -22.64 -15.11 37.87
CA LYS A 226 -23.98 -15.67 37.87
C LYS A 226 -24.34 -16.23 39.25
N SER A 227 -25.61 -16.57 39.42
CA SER A 227 -26.10 -17.10 40.68
C SER A 227 -26.80 -18.44 40.47
N GLU B 1 -0.70 -6.87 -16.81
CA GLU B 1 -0.54 -6.97 -15.37
C GLU B 1 0.24 -8.23 -15.00
N ILE B 2 1.39 -8.03 -14.35
CA ILE B 2 2.25 -9.15 -13.93
C ILE B 2 1.74 -9.69 -12.60
N VAL B 3 2.29 -10.82 -12.17
CA VAL B 3 1.90 -11.47 -10.93
C VAL B 3 3.13 -11.58 -10.04
N LEU B 4 3.07 -10.93 -8.88
CA LEU B 4 4.16 -10.95 -7.91
C LEU B 4 3.83 -11.97 -6.83
N THR B 5 4.76 -12.89 -6.58
CA THR B 5 4.61 -13.93 -5.58
C THR B 5 5.62 -13.71 -4.47
N GLN B 6 5.14 -13.55 -3.24
CA GLN B 6 6.00 -13.33 -2.09
C GLN B 6 6.11 -14.60 -1.26
N SER B 7 7.29 -14.82 -0.70
CA SER B 7 7.57 -16.00 0.11
C SER B 7 8.43 -15.58 1.30
N PRO B 8 8.23 -16.21 2.47
CA PRO B 8 7.15 -17.18 2.71
C PRO B 8 5.82 -16.49 3.00
N GLY B 9 4.76 -17.27 3.23
CA GLY B 9 3.49 -16.66 3.58
C GLY B 9 3.52 -16.03 4.96
N THR B 10 4.01 -16.76 5.95
CA THR B 10 4.17 -16.28 7.32
C THR B 10 5.57 -16.66 7.80
N LEU B 11 6.33 -15.66 8.22
CA LEU B 11 7.70 -15.85 8.69
C LEU B 11 7.74 -15.63 10.20
N SER B 12 8.06 -16.68 10.94
CA SER B 12 8.09 -16.66 12.40
C SER B 12 9.55 -16.62 12.86
N LEU B 13 10.00 -15.47 13.33
CA LEU B 13 11.36 -15.28 13.80
C LEU B 13 11.34 -14.57 15.15
N SER B 14 12.45 -14.70 15.87
CA SER B 14 12.70 -14.08 17.16
C SER B 14 13.40 -12.74 16.98
N PRO B 15 13.22 -11.80 17.91
CA PRO B 15 13.95 -10.54 17.83
C PRO B 15 15.45 -10.76 17.88
N GLY B 16 16.17 -10.01 17.04
CA GLY B 16 17.61 -10.13 16.93
C GLY B 16 18.09 -11.00 15.79
N GLU B 17 17.20 -11.75 15.15
CA GLU B 17 17.56 -12.61 14.04
C GLU B 17 17.51 -11.84 12.72
N ARG B 18 17.96 -12.50 11.66
CA ARG B 18 17.93 -11.93 10.32
C ARG B 18 16.69 -12.44 9.58
N ALA B 19 16.05 -11.54 8.84
CA ALA B 19 14.82 -11.85 8.11
C ALA B 19 15.07 -11.67 6.62
N THR B 20 14.71 -12.68 5.84
CA THR B 20 14.84 -12.65 4.39
C THR B 20 13.46 -12.86 3.77
N LEU B 21 13.02 -11.89 2.99
CA LEU B 21 11.70 -11.90 2.36
C LEU B 21 11.86 -11.86 0.86
N SER B 22 11.20 -12.78 0.15
CA SER B 22 11.36 -12.91 -1.29
C SER B 22 10.14 -12.38 -2.02
N CYS B 23 10.40 -11.80 -3.20
CA CYS B 23 9.36 -11.32 -4.10
C CYS B 23 9.76 -11.70 -5.51
N ARG B 24 8.97 -12.56 -6.15
CA ARG B 24 9.27 -13.06 -7.49
C ARG B 24 8.16 -12.65 -8.44
N THR B 25 8.53 -11.97 -9.51
CA THR B 25 7.58 -11.52 -10.51
C THR B 25 7.38 -12.58 -11.58
N SER B 26 6.18 -12.59 -12.17
CA SER B 26 5.89 -13.52 -13.27
C SER B 26 6.70 -13.20 -14.51
N GLN B 27 7.19 -11.97 -14.65
CA GLN B 27 8.00 -11.58 -15.80
C GLN B 27 9.30 -10.97 -15.28
N SER B 28 9.94 -10.17 -16.13
CA SER B 28 11.15 -9.44 -15.78
C SER B 28 10.82 -7.95 -15.69
N VAL B 29 11.31 -7.30 -14.64
CA VAL B 29 11.05 -5.88 -14.42
C VAL B 29 12.35 -5.18 -14.07
N SER B 30 12.45 -3.91 -14.45
CA SER B 30 13.57 -3.09 -14.02
C SER B 30 13.53 -2.90 -12.52
N SER B 31 14.70 -2.96 -11.88
CA SER B 31 14.77 -2.86 -10.42
C SER B 31 14.35 -1.49 -9.93
N SER B 32 14.34 -0.48 -10.80
CA SER B 32 13.92 0.87 -10.41
C SER B 32 12.42 0.97 -10.17
N TYR B 33 11.64 -0.05 -10.51
CA TYR B 33 10.18 0.04 -10.45
C TYR B 33 9.56 -1.06 -9.59
N LEU B 34 10.33 -1.69 -8.72
CA LEU B 34 9.81 -2.69 -7.80
C LEU B 34 10.17 -2.27 -6.39
N ALA B 35 9.20 -1.70 -5.67
CA ALA B 35 9.40 -1.15 -4.34
C ALA B 35 8.91 -2.10 -3.26
N TRP B 36 9.39 -1.87 -2.04
CA TRP B 36 8.96 -2.60 -0.86
C TRP B 36 8.20 -1.67 0.08
N TYR B 37 7.17 -2.22 0.73
CA TYR B 37 6.32 -1.45 1.62
C TYR B 37 6.09 -2.21 2.92
N GLN B 38 5.92 -1.45 4.00
CA GLN B 38 5.65 -2.00 5.32
C GLN B 38 4.34 -1.43 5.84
N GLN B 39 3.57 -2.26 6.54
CA GLN B 39 2.29 -1.83 7.09
C GLN B 39 2.08 -2.44 8.47
N LYS B 40 1.80 -1.58 9.45
CA LYS B 40 1.43 -2.05 10.78
C LYS B 40 -0.07 -2.29 10.84
N PRO B 41 -0.53 -3.18 11.72
CA PRO B 41 -1.98 -3.39 11.85
C PRO B 41 -2.68 -2.12 12.33
N GLY B 42 -3.58 -1.62 11.48
CA GLY B 42 -4.31 -0.40 11.78
C GLY B 42 -3.69 0.87 11.24
N GLN B 43 -2.57 0.78 10.51
CA GLN B 43 -1.87 1.94 10.01
C GLN B 43 -1.82 1.92 8.49
N ALA B 44 -1.49 3.07 7.91
CA ALA B 44 -1.31 3.15 6.48
C ALA B 44 0.02 2.52 6.09
N PRO B 45 0.13 1.98 4.86
CA PRO B 45 1.42 1.47 4.40
C PRO B 45 2.47 2.57 4.35
N ARG B 46 3.73 2.13 4.41
CA ARG B 46 4.86 3.04 4.38
C ARG B 46 5.92 2.50 3.44
N LEU B 47 6.46 3.40 2.60
CA LEU B 47 7.48 2.98 1.64
C LEU B 47 8.78 2.61 2.36
N LEU B 48 9.36 1.49 1.95
CA LEU B 48 10.64 1.02 2.48
C LEU B 48 11.79 1.26 1.53
N MET B 49 11.61 0.95 0.25
CA MET B 49 12.68 1.03 -0.75
C MET B 49 12.15 1.74 -1.98
N TYR B 50 12.76 2.88 -2.31
CA TYR B 50 12.62 3.40 -3.67
C TYR B 50 13.28 2.42 -4.62
N GLY B 51 12.51 1.93 -5.59
CA GLY B 51 13.07 0.87 -6.40
C GLY B 51 13.36 -0.36 -5.55
N ALA B 52 14.40 -1.10 -5.93
CA ALA B 52 14.70 -2.35 -5.27
C ALA B 52 15.66 -2.20 -4.09
N SER B 53 16.50 -1.17 -4.08
CA SER B 53 17.58 -1.08 -3.11
C SER B 53 17.73 0.27 -2.42
N SER B 54 17.00 1.30 -2.83
CA SER B 54 17.21 2.65 -2.31
C SER B 54 16.31 2.87 -1.10
N ARG B 55 16.92 2.92 0.09
CA ARG B 55 16.16 3.10 1.32
C ARG B 55 15.44 4.45 1.33
N ALA B 56 14.14 4.41 1.66
CA ALA B 56 13.36 5.63 1.79
C ALA B 56 13.78 6.39 3.05
N THR B 57 13.32 7.63 3.13
CA THR B 57 13.68 8.49 4.27
C THR B 57 13.11 7.94 5.57
N GLY B 58 13.95 7.91 6.60
CA GLY B 58 13.55 7.42 7.90
C GLY B 58 13.62 5.91 8.07
N ILE B 59 13.95 5.17 7.01
CA ILE B 59 14.03 3.72 7.12
C ILE B 59 15.38 3.34 7.71
N PRO B 60 15.42 2.50 8.75
CA PRO B 60 16.70 2.16 9.37
C PRO B 60 17.62 1.42 8.42
N ASP B 61 18.91 1.50 8.69
CA ASP B 61 19.91 0.89 7.82
C ASP B 61 19.90 -0.63 7.88
N ARG B 62 19.28 -1.23 8.90
CA ARG B 62 19.22 -2.68 8.96
C ARG B 62 18.33 -3.26 7.86
N PHE B 63 17.41 -2.46 7.31
CA PHE B 63 16.67 -2.87 6.13
C PHE B 63 17.55 -2.75 4.89
N SER B 64 17.66 -3.83 4.12
CA SER B 64 18.46 -3.84 2.91
C SER B 64 17.67 -4.50 1.80
N GLY B 65 17.65 -3.88 0.62
CA GLY B 65 16.93 -4.44 -0.51
C GLY B 65 17.84 -4.81 -1.65
N SER B 66 17.67 -6.02 -2.21
CA SER B 66 18.46 -6.44 -3.35
C SER B 66 17.57 -7.22 -4.31
N GLY B 67 17.96 -7.25 -5.57
CA GLY B 67 17.20 -8.00 -6.54
C GLY B 67 17.50 -7.57 -7.96
N SER B 68 17.21 -8.48 -8.89
CA SER B 68 17.42 -8.24 -10.31
C SER B 68 16.50 -9.18 -11.09
N GLY B 69 16.15 -8.75 -12.30
CA GLY B 69 15.32 -9.55 -13.19
C GLY B 69 13.98 -9.96 -12.60
N THR B 70 13.89 -11.20 -12.15
CA THR B 70 12.66 -11.74 -11.60
C THR B 70 12.74 -12.05 -10.11
N ASP B 71 13.92 -11.98 -9.50
CA ASP B 71 14.11 -12.29 -8.09
C ASP B 71 14.46 -11.01 -7.33
N PHE B 72 13.73 -10.75 -6.25
CA PHE B 72 13.97 -9.59 -5.40
C PHE B 72 13.81 -10.01 -3.95
N THR B 73 14.70 -9.53 -3.09
CA THR B 73 14.71 -9.93 -1.69
C THR B 73 14.89 -8.72 -0.80
N LEU B 74 14.04 -8.60 0.21
CA LEU B 74 14.21 -7.62 1.28
C LEU B 74 14.84 -8.31 2.47
N THR B 75 15.91 -7.73 2.98
CA THR B 75 16.70 -8.33 4.06
C THR B 75 16.62 -7.43 5.28
N ILE B 76 16.09 -7.96 6.37
CA ILE B 76 15.97 -7.23 7.62
C ILE B 76 16.81 -7.99 8.66
N SER B 77 18.00 -7.48 8.94
CA SER B 77 18.88 -8.06 9.93
C SER B 77 18.73 -7.36 11.27
N ARG B 78 19.04 -8.08 12.34
CA ARG B 78 18.90 -7.59 13.71
C ARG B 78 17.47 -7.09 13.95
N LEU B 79 16.53 -8.02 13.83
CA LEU B 79 15.11 -7.68 13.96
C LEU B 79 14.83 -7.09 15.33
N GLU B 80 14.00 -6.06 15.36
CA GLU B 80 13.52 -5.41 16.56
C GLU B 80 12.00 -5.54 16.63
N PRO B 81 11.41 -5.42 17.82
CA PRO B 81 9.95 -5.58 17.93
C PRO B 81 9.15 -4.69 16.99
N GLU B 82 9.66 -3.49 16.68
CA GLU B 82 8.97 -2.60 15.76
C GLU B 82 9.04 -3.05 14.31
N ASP B 83 9.87 -4.05 14.00
CA ASP B 83 10.03 -4.53 12.63
C ASP B 83 9.00 -5.58 12.24
N PHE B 84 8.40 -6.27 13.22
CA PHE B 84 7.47 -7.35 12.94
C PHE B 84 6.14 -6.77 12.46
N ALA B 85 5.86 -6.94 11.17
CA ALA B 85 4.67 -6.39 10.54
C ALA B 85 4.36 -7.21 9.29
N VAL B 86 3.67 -6.59 8.34
CA VAL B 86 3.38 -7.19 7.04
C VAL B 86 4.13 -6.39 5.99
N TYR B 87 4.73 -7.10 5.04
CA TYR B 87 5.58 -6.49 4.03
C TYR B 87 5.07 -6.84 2.64
N TYR B 88 4.98 -5.83 1.77
CA TYR B 88 4.49 -5.98 0.42
C TYR B 88 5.54 -5.49 -0.57
N CYS B 89 5.55 -6.11 -1.74
CA CYS B 89 6.28 -5.60 -2.89
C CYS B 89 5.29 -5.22 -3.98
N GLN B 90 5.69 -4.27 -4.83
CA GLN B 90 4.81 -3.80 -5.88
C GLN B 90 5.63 -3.34 -7.08
N GLN B 91 5.19 -3.74 -8.27
CA GLN B 91 5.68 -3.13 -9.49
C GLN B 91 4.99 -1.78 -9.66
N TYR B 92 5.78 -0.74 -9.90
CA TYR B 92 5.25 0.62 -9.97
C TYR B 92 4.21 0.72 -11.09
N GLY B 93 3.01 1.17 -10.72
CA GLY B 93 1.91 1.21 -11.66
C GLY B 93 1.29 -0.13 -11.98
N ASN B 94 1.59 -1.17 -11.21
CA ASN B 94 1.04 -2.49 -11.44
C ASN B 94 0.60 -3.06 -10.09
N SER B 95 0.52 -4.38 -10.01
CA SER B 95 -0.09 -5.03 -8.87
C SER B 95 0.90 -5.17 -7.70
N PHE B 96 0.34 -5.46 -6.53
CA PHE B 96 1.13 -5.76 -5.34
C PHE B 96 1.39 -7.26 -5.24
N GLY B 97 2.23 -7.62 -4.27
CA GLY B 97 2.36 -9.01 -3.88
C GLY B 97 1.33 -9.41 -2.85
N GLN B 98 1.22 -10.72 -2.62
CA GLN B 98 0.29 -11.22 -1.62
C GLN B 98 0.66 -10.79 -0.21
N GLY B 99 1.90 -10.34 -0.01
CA GLY B 99 2.34 -9.90 1.30
C GLY B 99 2.90 -11.01 2.18
N THR B 100 4.03 -10.74 2.81
CA THR B 100 4.65 -11.65 3.78
C THR B 100 4.45 -11.07 5.18
N ARG B 101 3.97 -11.90 6.10
CA ARG B 101 3.71 -11.46 7.47
C ARG B 101 4.84 -11.92 8.39
N LEU B 102 5.38 -10.99 9.16
CA LEU B 102 6.45 -11.28 10.11
C LEU B 102 5.87 -11.35 11.51
N GLU B 103 6.01 -12.50 12.16
CA GLU B 103 5.43 -12.75 13.47
C GLU B 103 6.53 -13.12 14.45
N ILE B 104 6.43 -12.60 15.68
CA ILE B 104 7.42 -12.88 16.70
C ILE B 104 7.32 -14.34 17.13
N LYS B 105 8.47 -15.01 17.21
CA LYS B 105 8.54 -16.42 17.61
C LYS B 105 8.92 -16.48 19.08
N ARG B 106 8.10 -17.17 19.87
CA ARG B 106 8.32 -17.24 21.32
C ARG B 106 8.06 -18.67 21.78
N THR B 107 8.01 -18.84 23.10
CA THR B 107 7.80 -20.17 23.68
C THR B 107 6.38 -20.65 23.41
N VAL B 108 6.25 -21.95 23.17
CA VAL B 108 4.93 -22.55 22.99
C VAL B 108 4.13 -22.38 24.27
N ALA B 109 2.93 -21.80 24.15
CA ALA B 109 2.06 -21.54 25.29
C ALA B 109 0.68 -22.11 25.01
N ALA B 110 0.17 -22.89 25.95
CA ALA B 110 -1.14 -23.49 25.81
C ALA B 110 -2.25 -22.47 26.08
N PRO B 111 -3.37 -22.57 25.38
CA PRO B 111 -4.46 -21.63 25.62
C PRO B 111 -5.28 -22.01 26.85
N SER B 112 -5.60 -21.00 27.67
CA SER B 112 -6.52 -21.18 28.78
C SER B 112 -7.94 -21.04 28.24
N VAL B 113 -8.69 -22.14 28.24
CA VAL B 113 -9.98 -22.20 27.57
C VAL B 113 -11.08 -21.80 28.56
N PHE B 114 -11.97 -20.92 28.12
CA PHE B 114 -13.14 -20.51 28.89
C PHE B 114 -14.36 -20.57 28.00
N ILE B 115 -15.48 -21.02 28.56
CA ILE B 115 -16.74 -21.10 27.83
C ILE B 115 -17.76 -20.22 28.55
N PHE B 116 -18.56 -19.49 27.76
CA PHE B 116 -19.52 -18.54 28.30
C PHE B 116 -20.93 -18.88 27.83
N PRO B 117 -21.85 -19.23 28.73
CA PRO B 117 -23.23 -19.48 28.32
C PRO B 117 -23.90 -18.19 27.87
N PRO B 118 -24.98 -18.27 27.11
CA PRO B 118 -25.70 -17.06 26.72
C PRO B 118 -26.37 -16.42 27.92
N SER B 119 -26.26 -15.10 28.01
CA SER B 119 -26.82 -14.37 29.14
C SER B 119 -28.34 -14.36 29.08
N ASP B 120 -28.95 -14.08 30.23
CA ASP B 120 -30.41 -14.00 30.31
C ASP B 120 -30.95 -12.85 29.48
N GLU B 121 -30.20 -11.75 29.38
CA GLU B 121 -30.65 -10.62 28.56
C GLU B 121 -30.77 -11.01 27.10
N GLN B 122 -29.93 -11.94 26.63
CA GLN B 122 -30.01 -12.40 25.24
C GLN B 122 -31.11 -13.43 25.05
N LEU B 123 -31.38 -14.26 26.07
CA LEU B 123 -32.40 -15.28 25.95
C LEU B 123 -33.79 -14.69 25.77
N LYS B 124 -33.99 -13.42 26.12
CA LYS B 124 -35.27 -12.77 25.85
C LYS B 124 -35.52 -12.65 24.36
N SER B 125 -34.46 -12.58 23.56
CA SER B 125 -34.58 -12.53 22.11
C SER B 125 -34.65 -13.95 21.54
N GLY B 126 -34.85 -14.04 20.23
CA GLY B 126 -35.03 -15.34 19.60
C GLY B 126 -33.75 -16.10 19.34
N THR B 127 -32.59 -15.52 19.63
CA THR B 127 -31.30 -16.16 19.37
C THR B 127 -30.46 -16.17 20.64
N ALA B 128 -29.55 -17.13 20.71
CA ALA B 128 -28.63 -17.29 21.83
C ALA B 128 -27.23 -17.54 21.30
N SER B 129 -26.23 -17.11 22.06
CA SER B 129 -24.83 -17.22 21.65
C SER B 129 -24.00 -17.70 22.82
N VAL B 130 -23.28 -18.81 22.62
CA VAL B 130 -22.34 -19.33 23.60
C VAL B 130 -20.93 -19.13 23.06
N VAL B 131 -20.09 -18.45 23.83
CA VAL B 131 -18.78 -18.01 23.37
C VAL B 131 -17.71 -18.90 24.01
N CYS B 132 -16.72 -19.29 23.19
CA CYS B 132 -15.57 -20.06 23.65
C CYS B 132 -14.32 -19.19 23.51
N LEU B 133 -13.59 -19.03 24.61
CA LEU B 133 -12.43 -18.14 24.66
C LEU B 133 -11.15 -18.95 24.71
N LEU B 134 -10.29 -18.76 23.72
CA LEU B 134 -8.94 -19.30 23.70
C LEU B 134 -7.99 -18.12 23.90
N ASN B 135 -7.37 -18.05 25.07
CA ASN B 135 -6.63 -16.86 25.48
C ASN B 135 -5.13 -17.16 25.60
N ASN B 136 -4.32 -16.30 24.99
CA ASN B 136 -2.87 -16.27 25.16
C ASN B 136 -2.23 -17.63 24.84
N PHE B 137 -2.20 -17.93 23.55
CA PHE B 137 -1.58 -19.14 23.04
C PHE B 137 -0.64 -18.79 21.89
N TYR B 138 0.31 -19.69 21.65
CA TYR B 138 1.25 -19.54 20.55
C TYR B 138 1.74 -20.92 20.13
N PRO B 139 1.81 -21.21 18.83
CA PRO B 139 1.49 -20.32 17.70
C PRO B 139 -0.01 -20.13 17.50
N ARG B 140 -0.39 -19.30 16.51
CA ARG B 140 -1.78 -18.97 16.31
C ARG B 140 -2.60 -20.15 15.80
N GLU B 141 -1.96 -21.19 15.28
CA GLU B 141 -2.67 -22.35 14.76
C GLU B 141 -3.42 -23.04 15.89
N ALA B 142 -4.75 -23.13 15.75
CA ALA B 142 -5.58 -23.77 16.75
C ALA B 142 -6.87 -24.24 16.10
N LYS B 143 -7.47 -25.27 16.69
CA LYS B 143 -8.70 -25.87 16.18
C LYS B 143 -9.76 -25.83 17.27
N VAL B 144 -10.97 -25.41 16.90
CA VAL B 144 -12.11 -25.35 17.81
C VAL B 144 -13.27 -26.07 17.16
N GLN B 145 -13.86 -27.02 17.89
CA GLN B 145 -15.05 -27.73 17.45
C GLN B 145 -16.10 -27.68 18.55
N TRP B 146 -17.33 -27.31 18.19
CA TRP B 146 -18.43 -27.28 19.13
C TRP B 146 -19.12 -28.63 19.18
N LYS B 147 -19.56 -29.02 20.37
CA LYS B 147 -20.22 -30.31 20.58
C LYS B 147 -21.41 -30.10 21.49
N VAL B 148 -22.61 -30.13 20.92
CA VAL B 148 -23.86 -30.08 21.67
C VAL B 148 -24.41 -31.49 21.78
N ASP B 149 -24.52 -32.00 23.00
CA ASP B 149 -24.90 -33.38 23.25
C ASP B 149 -23.97 -34.34 22.51
N ASN B 150 -22.68 -34.01 22.49
CA ASN B 150 -21.64 -34.77 21.79
C ASN B 150 -22.00 -34.92 20.31
N ALA B 151 -22.00 -33.79 19.62
CA ALA B 151 -22.32 -33.75 18.20
C ALA B 151 -21.58 -32.58 17.56
N LEU B 152 -20.73 -32.88 16.58
CA LEU B 152 -19.98 -31.83 15.90
C LEU B 152 -20.94 -30.88 15.18
N GLN B 153 -20.50 -29.63 15.04
CA GLN B 153 -21.31 -28.58 14.45
C GLN B 153 -20.58 -27.96 13.25
N SER B 154 -21.35 -27.33 12.39
CA SER B 154 -20.82 -26.66 11.21
C SER B 154 -21.83 -25.65 10.70
N GLY B 155 -21.34 -24.52 10.20
CA GLY B 155 -22.20 -23.47 9.69
C GLY B 155 -22.90 -22.64 10.73
N ASN B 156 -22.61 -22.86 12.01
CA ASN B 156 -23.24 -22.12 13.09
C ASN B 156 -22.22 -21.46 14.01
N SER B 157 -20.95 -21.41 13.61
CA SER B 157 -19.89 -20.84 14.43
C SER B 157 -19.06 -19.86 13.60
N GLN B 158 -18.50 -18.87 14.29
CA GLN B 158 -17.61 -17.90 13.66
C GLN B 158 -16.44 -17.63 14.61
N GLU B 159 -15.27 -17.40 14.01
CA GLU B 159 -14.04 -17.27 14.78
C GLU B 159 -13.32 -15.97 14.43
N SER B 160 -12.68 -15.38 15.44
CA SER B 160 -11.84 -14.21 15.28
C SER B 160 -10.57 -14.40 16.09
N VAL B 161 -9.46 -13.89 15.57
CA VAL B 161 -8.16 -13.98 16.23
C VAL B 161 -7.56 -12.59 16.32
N THR B 162 -7.19 -12.18 17.54
CA THR B 162 -6.55 -10.90 17.73
C THR B 162 -5.16 -10.90 17.11
N GLU B 163 -4.62 -9.70 16.90
CA GLU B 163 -3.25 -9.56 16.46
C GLU B 163 -2.31 -10.11 17.54
N GLN B 164 -1.05 -10.30 17.18
CA GLN B 164 -0.07 -10.76 18.15
C GLN B 164 0.12 -9.70 19.23
N ASP B 165 0.05 -10.13 20.49
CA ASP B 165 0.13 -9.21 21.60
C ASP B 165 1.48 -8.50 21.63
N SER B 166 1.45 -7.19 21.85
CA SER B 166 2.68 -6.42 21.96
C SER B 166 3.40 -6.63 23.28
N LYS B 167 2.78 -7.34 24.23
CA LYS B 167 3.39 -7.58 25.54
C LYS B 167 4.04 -8.97 25.61
N ASP B 168 3.26 -10.03 25.41
CA ASP B 168 3.76 -11.39 25.54
C ASP B 168 3.73 -12.15 24.21
N SER B 169 3.47 -11.47 23.09
CA SER B 169 3.56 -12.06 21.76
C SER B 169 2.68 -13.29 21.60
N THR B 170 1.56 -13.31 22.31
CA THR B 170 0.62 -14.42 22.23
C THR B 170 -0.58 -14.05 21.36
N TYR B 171 -1.40 -15.06 21.07
CA TYR B 171 -2.60 -14.90 20.28
C TYR B 171 -3.80 -15.32 21.10
N SER B 172 -4.96 -14.80 20.71
CA SER B 172 -6.23 -15.13 21.37
C SER B 172 -7.30 -15.34 20.31
N LEU B 173 -8.15 -16.35 20.52
CA LEU B 173 -9.19 -16.72 19.58
C LEU B 173 -10.55 -16.67 20.28
N SER B 174 -11.57 -16.25 19.54
CA SER B 174 -12.93 -16.19 20.05
C SER B 174 -13.84 -16.92 19.07
N SER B 175 -14.51 -17.97 19.55
CA SER B 175 -15.47 -18.73 18.75
C SER B 175 -16.85 -18.57 19.35
N THR B 176 -17.82 -18.18 18.53
CA THR B 176 -19.18 -17.94 18.98
C THR B 176 -20.12 -18.91 18.27
N LEU B 177 -20.89 -19.66 19.04
CA LEU B 177 -21.87 -20.60 18.51
C LEU B 177 -23.25 -19.96 18.61
N THR B 178 -23.81 -19.59 17.47
CA THR B 178 -25.10 -18.92 17.42
C THR B 178 -26.20 -19.93 17.14
N LEU B 179 -27.11 -20.10 18.09
CA LEU B 179 -28.25 -20.99 17.94
C LEU B 179 -29.50 -20.27 18.45
N SER B 180 -30.64 -20.62 17.87
CA SER B 180 -31.90 -20.03 18.30
C SER B 180 -32.23 -20.47 19.73
N LYS B 181 -33.18 -19.76 20.35
CA LYS B 181 -33.61 -20.10 21.70
C LYS B 181 -34.24 -21.49 21.74
N ALA B 182 -34.91 -21.90 20.66
CA ALA B 182 -35.55 -23.21 20.63
C ALA B 182 -34.51 -24.33 20.65
N ASP B 183 -33.46 -24.20 19.84
CA ASP B 183 -32.45 -25.25 19.78
C ASP B 183 -31.55 -25.22 21.01
N TYR B 184 -31.40 -24.06 21.66
CA TYR B 184 -30.61 -24.00 22.89
C TYR B 184 -31.33 -24.68 24.03
N GLU B 185 -32.59 -24.35 24.25
CA GLU B 185 -33.39 -24.98 25.30
C GLU B 185 -33.70 -26.45 24.99
N LYS B 186 -33.49 -26.89 23.75
CA LYS B 186 -33.78 -28.27 23.39
C LYS B 186 -32.75 -29.23 23.96
N HIS B 187 -31.49 -28.80 24.08
CA HIS B 187 -30.41 -29.65 24.54
C HIS B 187 -30.00 -29.26 25.96
N LYS B 188 -28.86 -29.79 26.42
CA LYS B 188 -28.43 -29.59 27.79
C LYS B 188 -26.96 -29.21 27.89
N VAL B 189 -26.07 -30.09 27.44
CA VAL B 189 -24.63 -29.92 27.61
C VAL B 189 -24.03 -29.31 26.34
N TYR B 190 -23.24 -28.25 26.52
CA TYR B 190 -22.55 -27.59 25.42
C TYR B 190 -21.07 -27.49 25.76
N ALA B 191 -20.22 -27.78 24.78
CA ALA B 191 -18.78 -27.79 25.00
C ALA B 191 -18.05 -27.41 23.73
N CYS B 192 -16.89 -26.80 23.88
CA CYS B 192 -15.99 -26.51 22.77
C CYS B 192 -14.67 -27.23 23.03
N GLU B 193 -14.28 -28.11 22.10
CA GLU B 193 -13.04 -28.86 22.20
C GLU B 193 -11.93 -28.10 21.48
N VAL B 194 -10.78 -27.97 22.14
CA VAL B 194 -9.68 -27.16 21.65
C VAL B 194 -8.47 -28.05 21.43
N THR B 195 -7.82 -27.91 20.27
CA THR B 195 -6.59 -28.60 19.95
C THR B 195 -5.51 -27.57 19.67
N HIS B 196 -4.34 -27.76 20.29
CA HIS B 196 -3.22 -26.84 20.11
C HIS B 196 -1.92 -27.58 20.40
N GLN B 197 -0.82 -27.07 19.85
CA GLN B 197 0.47 -27.72 20.02
C GLN B 197 0.88 -27.79 21.49
N GLY B 198 0.49 -26.79 22.29
CA GLY B 198 0.81 -26.75 23.70
C GLY B 198 -0.01 -27.67 24.57
N LEU B 199 -0.89 -28.49 23.99
CA LEU B 199 -1.75 -29.41 24.73
C LEU B 199 -1.45 -30.83 24.28
N SER B 200 -1.10 -31.69 25.23
CA SER B 200 -0.88 -33.09 24.89
C SER B 200 -2.16 -33.78 24.46
N SER B 201 -3.29 -33.36 25.02
CA SER B 201 -4.60 -33.88 24.68
C SER B 201 -5.58 -32.73 24.47
N PRO B 202 -6.54 -32.88 23.57
CA PRO B 202 -7.53 -31.81 23.37
C PRO B 202 -8.33 -31.54 24.63
N VAL B 203 -8.47 -30.27 24.96
CA VAL B 203 -9.13 -29.83 26.19
C VAL B 203 -10.56 -29.42 25.87
N THR B 204 -11.50 -29.90 26.68
CA THR B 204 -12.91 -29.61 26.52
C THR B 204 -13.40 -28.80 27.71
N LYS B 205 -14.01 -27.65 27.43
CA LYS B 205 -14.66 -26.81 28.43
C LYS B 205 -16.16 -26.89 28.20
N SER B 206 -16.87 -27.50 29.14
CA SER B 206 -18.30 -27.77 29.00
C SER B 206 -19.10 -27.06 30.07
N PHE B 207 -20.41 -27.02 29.87
CA PHE B 207 -21.34 -26.50 30.86
C PHE B 207 -22.72 -27.07 30.58
N ASN B 208 -23.59 -26.98 31.59
CA ASN B 208 -24.97 -27.41 31.48
C ASN B 208 -25.89 -26.24 31.76
N ARG B 209 -27.03 -26.22 31.08
CA ARG B 209 -28.01 -25.15 31.27
C ARG B 209 -28.53 -25.14 32.70
N GLY B 210 -27.94 -24.31 33.54
CA GLY B 210 -28.33 -24.24 34.94
C GLY B 210 -27.15 -24.43 35.88
N GLU B 211 -26.42 -23.35 36.14
CA GLU B 211 -25.26 -23.40 37.03
C GLU B 211 -25.43 -22.45 38.21
N LYS C 4 16.57 4.59 -26.57
CA LYS C 4 17.26 5.13 -25.41
C LYS C 4 18.74 5.34 -25.72
N VAL C 5 19.26 6.51 -25.36
CA VAL C 5 20.62 6.89 -25.69
C VAL C 5 21.58 6.28 -24.68
N THR C 6 22.63 5.64 -25.17
CA THR C 6 23.67 5.03 -24.33
C THR C 6 25.04 5.54 -24.78
N VAL C 7 26.08 5.08 -24.09
CA VAL C 7 27.44 5.48 -24.42
C VAL C 7 27.88 4.88 -25.75
N ASP C 8 27.20 3.83 -26.23
CA ASP C 8 27.52 3.21 -27.51
C ASP C 8 26.65 3.75 -28.64
N THR C 9 25.95 4.85 -28.42
CA THR C 9 25.12 5.45 -29.45
C THR C 9 25.95 6.27 -30.41
N VAL C 10 25.65 6.16 -31.71
CA VAL C 10 26.28 6.96 -32.74
C VAL C 10 25.31 8.06 -33.13
N CYS C 11 25.58 9.28 -32.67
CA CYS C 11 24.74 10.43 -33.03
C CYS C 11 25.02 10.81 -34.48
N LYS C 12 24.08 10.52 -35.37
CA LYS C 12 24.25 10.84 -36.78
C LYS C 12 24.25 12.36 -36.96
N ARG C 13 25.39 12.88 -37.43
CA ARG C 13 25.60 14.32 -37.58
C ARG C 13 25.39 15.05 -36.25
N GLY C 14 25.86 14.43 -35.17
CA GLY C 14 25.78 15.01 -33.85
C GLY C 14 26.84 14.42 -32.95
N PHE C 15 26.73 14.74 -31.66
CA PHE C 15 27.69 14.25 -30.69
C PHE C 15 26.98 14.02 -29.36
N LEU C 16 27.63 13.23 -28.50
CA LEU C 16 27.07 12.86 -27.22
C LEU C 16 27.44 13.87 -26.14
N ILE C 17 26.49 14.12 -25.24
CA ILE C 17 26.74 14.87 -24.01
C ILE C 17 26.13 14.10 -22.86
N GLN C 18 26.63 14.37 -21.65
CA GLN C 18 26.19 13.66 -20.46
C GLN C 18 25.77 14.65 -19.39
N MET C 19 24.63 14.39 -18.76
CA MET C 19 24.17 15.11 -17.59
C MET C 19 24.12 14.13 -16.41
N SER C 20 23.57 14.59 -15.29
CA SER C 20 23.64 13.81 -14.06
C SER C 20 22.88 12.50 -14.15
N GLY C 21 21.94 12.37 -15.08
CA GLY C 21 21.11 11.18 -15.10
C GLY C 21 20.75 10.62 -16.46
N HIS C 22 21.29 11.20 -17.54
CA HIS C 22 20.98 10.69 -18.87
C HIS C 22 22.03 11.13 -19.86
N LEU C 23 21.92 10.59 -21.07
CA LEU C 23 22.72 10.98 -22.23
C LEU C 23 21.78 11.41 -23.34
N GLU C 24 22.25 12.33 -24.19
CA GLU C 24 21.48 12.74 -25.36
C GLU C 24 22.45 13.16 -26.46
N CYS C 25 21.90 13.41 -27.64
CA CYS C 25 22.66 13.85 -28.79
C CYS C 25 22.37 15.32 -29.07
N LYS C 26 23.42 16.12 -29.15
CA LYS C 26 23.33 17.50 -29.61
C LYS C 26 23.72 17.57 -31.08
N CYS C 27 22.98 18.35 -31.85
CA CYS C 27 23.21 18.44 -33.28
C CYS C 27 24.34 19.42 -33.59
N GLU C 28 24.84 19.33 -34.82
CA GLU C 28 25.91 20.20 -35.29
C GLU C 28 25.34 21.42 -35.98
N ASN C 29 25.87 22.59 -35.64
CA ASN C 29 25.51 23.87 -36.27
C ASN C 29 24.00 24.07 -36.11
N ASP C 30 23.24 24.25 -37.19
CA ASP C 30 21.81 24.53 -37.10
C ASP C 30 20.94 23.31 -37.39
N LEU C 31 21.50 22.11 -37.25
CA LEU C 31 20.71 20.90 -37.46
C LEU C 31 19.77 20.66 -36.28
N VAL C 32 18.76 19.82 -36.52
CA VAL C 32 17.75 19.52 -35.52
C VAL C 32 17.58 18.01 -35.41
N LEU C 33 17.05 17.58 -34.27
CA LEU C 33 16.89 16.15 -33.98
C LEU C 33 15.66 15.61 -34.68
N VAL C 34 15.88 14.67 -35.61
CA VAL C 34 14.74 13.95 -36.19
C VAL C 34 14.37 12.74 -35.33
N ASN C 35 15.31 12.18 -34.60
CA ASN C 35 15.02 11.18 -33.58
C ASN C 35 16.05 11.33 -32.46
N GLU C 36 16.04 10.39 -31.51
CA GLU C 36 16.91 10.48 -30.35
C GLU C 36 18.40 10.39 -30.70
N GLU C 37 18.74 9.96 -31.92
CA GLU C 37 20.15 9.76 -32.26
C GLU C 37 20.47 10.17 -33.69
N THR C 38 19.66 11.02 -34.32
CA THR C 38 19.89 11.42 -35.70
C THR C 38 19.56 12.89 -35.87
N CYS C 39 20.46 13.62 -36.51
CA CYS C 39 20.30 15.04 -36.78
C CYS C 39 20.26 15.26 -38.29
N GLU C 40 19.22 15.94 -38.76
CA GLU C 40 19.08 16.32 -40.15
C GLU C 40 18.88 17.84 -40.23
N GLU C 41 18.65 18.34 -41.43
CA GLU C 41 18.46 19.77 -41.64
C GLU C 41 16.98 20.12 -41.49
N LYS C 42 16.70 21.20 -40.77
CA LYS C 42 15.34 21.65 -40.56
C LYS C 42 14.84 22.40 -41.80
N VAL C 43 13.67 22.00 -42.30
CA VAL C 43 13.06 22.71 -43.41
C VAL C 43 12.52 24.05 -42.92
N LEU C 44 12.73 25.10 -43.73
CA LEU C 44 12.32 26.42 -43.31
C LEU C 44 10.82 26.64 -43.44
N LYS C 45 10.18 25.97 -44.39
CA LYS C 45 8.74 26.11 -44.59
C LYS C 45 8.19 24.81 -45.15
N CYS C 46 7.19 24.25 -44.48
CA CYS C 46 6.58 23.00 -44.94
C CYS C 46 5.69 23.27 -46.14
N ASP C 47 5.68 22.33 -47.09
CA ASP C 47 4.82 22.41 -48.25
C ASP C 47 4.53 20.98 -48.72
N GLU C 48 4.15 20.83 -49.99
CA GLU C 48 3.83 19.51 -50.51
C GLU C 48 5.10 18.68 -50.74
N LYS C 49 6.21 19.32 -51.11
CA LYS C 49 7.43 18.58 -51.38
C LYS C 49 8.16 18.16 -50.11
N THR C 50 8.09 18.98 -49.05
CA THR C 50 8.77 18.69 -47.80
C THR C 50 7.88 17.93 -46.81
N VAL C 51 6.99 17.07 -47.31
CA VAL C 51 6.11 16.32 -46.42
C VAL C 51 6.93 15.32 -45.62
N ASN C 52 6.64 15.24 -44.32
CA ASN C 52 7.29 14.34 -43.37
C ASN C 52 8.77 14.68 -43.16
N LYS C 53 9.18 15.91 -43.47
CA LYS C 53 10.56 16.35 -43.26
C LYS C 53 10.69 17.08 -41.93
N PRO C 54 11.85 16.96 -41.27
CA PRO C 54 12.02 17.61 -39.96
C PRO C 54 12.03 19.12 -40.08
N CYS C 55 11.26 19.78 -39.23
CA CYS C 55 11.24 21.23 -39.14
C CYS C 55 11.70 21.74 -37.78
N GLY C 56 12.11 20.85 -36.89
CA GLY C 56 12.58 21.24 -35.57
C GLY C 56 12.88 20.01 -34.75
N ASP C 57 13.27 20.24 -33.50
CA ASP C 57 13.58 19.14 -32.59
C ASP C 57 12.32 18.35 -32.30
N PHE C 58 12.27 17.12 -32.81
CA PHE C 58 11.15 16.19 -32.59
C PHE C 58 9.86 16.74 -33.19
N SER C 59 9.95 17.32 -34.38
CA SER C 59 8.79 17.85 -35.08
C SER C 59 9.00 17.69 -36.58
N LYS C 60 7.93 17.35 -37.29
CA LYS C 60 7.97 17.12 -38.72
C LYS C 60 6.84 17.87 -39.41
N CYS C 61 6.85 17.84 -40.73
CA CYS C 61 5.82 18.50 -41.53
C CYS C 61 4.63 17.59 -41.70
N ILE C 62 3.43 18.11 -41.41
CA ILE C 62 2.20 17.37 -41.56
C ILE C 62 1.32 18.07 -42.58
N LYS C 63 0.43 17.29 -43.20
CA LYS C 63 -0.53 17.80 -44.16
C LYS C 63 -1.91 17.88 -43.51
N ILE C 64 -2.59 19.00 -43.74
CA ILE C 64 -3.94 19.23 -43.22
C ILE C 64 -4.90 19.23 -44.39
N ASP C 65 -5.92 18.39 -44.31
CA ASP C 65 -6.93 18.31 -45.36
C ASP C 65 -8.12 19.21 -45.04
N VAL C 69 -6.26 22.66 -48.21
CA VAL C 69 -5.02 21.91 -48.07
C VAL C 69 -3.89 22.82 -47.62
N SER C 70 -3.37 22.58 -46.41
CA SER C 70 -2.31 23.38 -45.85
C SER C 70 -1.29 22.46 -45.19
N TYR C 71 -0.15 23.04 -44.81
CA TYR C 71 0.95 22.29 -44.21
C TYR C 71 1.51 23.08 -43.04
N ALA C 72 1.76 22.39 -41.93
CA ALA C 72 2.27 23.04 -40.72
C ALA C 72 3.33 22.16 -40.08
N CYS C 73 4.01 22.72 -39.08
CA CYS C 73 5.06 22.03 -38.34
C CYS C 73 4.52 21.69 -36.96
N LYS C 74 4.31 20.39 -36.71
CA LYS C 74 3.75 19.92 -35.45
C LYS C 74 4.74 18.99 -34.75
N CYS C 75 4.70 19.02 -33.41
CA CYS C 75 5.55 18.15 -32.62
C CYS C 75 5.04 16.71 -32.69
N ASN C 76 5.96 15.77 -32.49
CA ASN C 76 5.61 14.35 -32.49
C ASN C 76 4.66 14.05 -31.34
N LEU C 77 4.03 12.87 -31.41
CA LEU C 77 3.10 12.44 -30.37
C LEU C 77 3.83 12.37 -29.03
N GLY C 78 3.25 13.04 -28.03
CA GLY C 78 3.83 13.10 -26.71
C GLY C 78 4.68 14.32 -26.44
N TYR C 79 4.77 15.26 -27.38
CA TYR C 79 5.55 16.47 -27.21
C TYR C 79 4.62 17.68 -27.23
N ASP C 80 4.93 18.66 -26.38
CA ASP C 80 4.19 19.91 -26.31
C ASP C 80 5.10 21.04 -26.75
N MET C 81 4.54 22.00 -27.49
CA MET C 81 5.31 23.11 -28.03
C MET C 81 5.33 24.25 -27.01
N VAL C 82 6.52 24.55 -26.50
CA VAL C 82 6.72 25.63 -25.54
C VAL C 82 7.78 26.56 -26.11
N ASN C 83 7.34 27.72 -26.58
CA ASN C 83 8.23 28.71 -27.21
C ASN C 83 8.93 28.12 -28.44
N ASN C 84 8.13 27.48 -29.29
CA ASN C 84 8.56 26.98 -30.60
C ASN C 84 9.57 25.84 -30.51
N VAL C 85 9.70 25.19 -29.35
CA VAL C 85 10.52 24.00 -29.21
C VAL C 85 9.68 22.92 -28.54
N CYS C 86 9.81 21.69 -29.03
CA CYS C 86 8.99 20.59 -28.56
C CYS C 86 9.53 20.05 -27.23
N ILE C 87 8.66 19.99 -26.23
CA ILE C 87 9.01 19.52 -24.90
C ILE C 87 8.11 18.32 -24.59
N PRO C 88 8.63 17.27 -23.95
CA PRO C 88 7.78 16.15 -23.55
C PRO C 88 6.59 16.61 -22.71
N ASN C 89 5.47 15.89 -22.87
CA ASN C 89 4.23 16.29 -22.22
C ASN C 89 4.39 16.38 -20.70
N GLU C 90 4.81 15.28 -20.08
CA GLU C 90 4.96 15.24 -18.63
C GLU C 90 6.14 16.08 -18.12
N CYS C 91 6.77 16.89 -18.97
CA CYS C 91 7.81 17.82 -18.54
C CYS C 91 7.38 19.27 -18.63
N LYS C 92 6.14 19.55 -19.02
CA LYS C 92 5.70 20.94 -19.14
C LYS C 92 5.65 21.63 -17.77
N GLN C 93 5.10 20.94 -16.77
CA GLN C 93 4.88 21.51 -15.45
C GLN C 93 5.95 21.09 -14.45
N VAL C 94 7.14 20.74 -14.92
CA VAL C 94 8.21 20.22 -14.07
C VAL C 94 9.40 21.17 -14.14
N THR C 95 9.78 21.71 -12.99
CA THR C 95 10.93 22.59 -12.85
C THR C 95 12.11 21.81 -12.25
N CYS C 96 13.32 22.10 -12.74
CA CYS C 96 14.51 21.42 -12.26
C CYS C 96 15.63 22.33 -11.80
N GLY C 97 15.61 23.61 -12.17
CA GLY C 97 16.68 24.51 -11.77
C GLY C 97 17.98 24.25 -12.49
N ASN C 98 18.94 23.65 -11.77
CA ASN C 98 20.25 23.35 -12.34
C ASN C 98 20.20 22.12 -13.24
N GLY C 99 19.38 22.23 -14.29
CA GLY C 99 19.26 21.12 -15.23
C GLY C 99 18.05 21.27 -16.11
N LYS C 100 17.55 20.13 -16.58
CA LYS C 100 16.38 20.09 -17.45
C LYS C 100 15.52 18.91 -17.06
N CYS C 101 14.27 18.93 -17.52
CA CYS C 101 13.36 17.82 -17.33
C CYS C 101 13.46 16.86 -18.51
N ILE C 102 13.51 15.57 -18.22
CA ILE C 102 13.53 14.53 -19.24
C ILE C 102 12.45 13.51 -18.91
N LEU C 103 12.05 12.76 -19.94
CA LEU C 103 11.07 11.70 -19.76
C LEU C 103 11.79 10.42 -19.38
N ASP C 104 11.28 9.72 -18.37
CA ASP C 104 11.83 8.44 -17.95
C ASP C 104 11.28 7.37 -18.87
N THR C 105 12.10 6.94 -19.84
CA THR C 105 11.62 6.06 -20.90
C THR C 105 11.10 4.74 -20.35
N SER C 106 11.85 4.12 -19.44
CA SER C 106 11.53 2.80 -18.95
C SER C 106 10.37 2.79 -17.95
N ASN C 107 9.87 3.95 -17.54
CA ASN C 107 8.86 3.99 -16.49
C ASN C 107 7.54 3.43 -16.99
N PRO C 108 6.85 2.61 -16.19
CA PRO C 108 5.53 2.11 -16.60
C PRO C 108 4.51 3.22 -16.77
N VAL C 109 4.57 4.28 -15.97
CA VAL C 109 3.67 5.41 -16.10
C VAL C 109 4.47 6.60 -16.62
N LYS C 110 3.82 7.43 -17.44
CA LYS C 110 4.47 8.61 -17.99
C LYS C 110 4.87 9.54 -16.86
N THR C 111 6.18 9.77 -16.72
CA THR C 111 6.71 10.57 -15.62
C THR C 111 7.86 11.42 -16.13
N GLY C 112 7.90 12.66 -15.65
CA GLY C 112 9.02 13.55 -15.90
C GLY C 112 9.98 13.53 -14.72
N VAL C 113 11.28 13.44 -15.02
CA VAL C 113 12.31 13.43 -13.99
C VAL C 113 13.32 14.53 -14.32
N CYS C 114 14.03 14.96 -13.29
CA CYS C 114 15.03 16.01 -13.43
C CYS C 114 16.40 15.40 -13.66
N SER C 115 17.06 15.84 -14.73
CA SER C 115 18.45 15.50 -15.01
C SER C 115 19.29 16.75 -14.85
N CYS C 116 20.34 16.67 -14.04
CA CYS C 116 21.05 17.84 -13.54
C CYS C 116 22.36 18.07 -14.29
N ASN C 117 22.82 19.32 -14.23
CA ASN C 117 24.15 19.64 -14.68
C ASN C 117 25.18 18.91 -13.81
N ILE C 118 26.38 18.75 -14.37
CA ILE C 118 27.41 17.97 -13.67
C ILE C 118 27.75 18.63 -12.35
N GLY C 119 27.66 17.86 -11.27
CA GLY C 119 27.87 18.35 -9.93
C GLY C 119 26.62 18.32 -9.06
N LYS C 120 25.44 18.27 -9.66
CA LYS C 120 24.18 18.24 -8.94
C LYS C 120 23.46 16.92 -9.14
N VAL C 121 22.60 16.60 -8.18
CA VAL C 121 21.72 15.43 -8.27
C VAL C 121 20.33 15.84 -7.82
N PRO C 122 19.30 15.12 -8.26
CA PRO C 122 17.92 15.41 -7.81
C PRO C 122 17.83 15.33 -6.29
N ASN C 123 17.37 16.42 -5.69
CA ASN C 123 17.28 16.55 -4.22
C ASN C 123 15.91 16.08 -3.78
N VAL C 124 15.86 14.88 -3.20
CA VAL C 124 14.59 14.30 -2.76
C VAL C 124 13.90 15.19 -1.73
N GLN C 125 14.66 16.01 -1.01
CA GLN C 125 14.10 16.95 -0.05
C GLN C 125 13.79 18.32 -0.66
N ASP C 126 13.77 18.41 -1.98
CA ASP C 126 13.40 19.65 -2.67
C ASP C 126 12.66 19.30 -3.96
N GLN C 127 11.66 18.42 -3.84
CA GLN C 127 10.83 17.99 -4.97
C GLN C 127 11.67 17.47 -6.13
N ASN C 128 12.79 16.81 -5.80
CA ASN C 128 13.68 16.22 -6.79
C ASN C 128 14.19 17.24 -7.81
N LYS C 129 14.29 18.51 -7.40
CA LYS C 129 14.94 19.50 -8.22
C LYS C 129 16.45 19.37 -8.11
N CYS C 130 17.17 20.05 -9.01
CA CYS C 130 18.62 19.95 -9.06
C CYS C 130 19.20 20.99 -8.12
N SER C 131 19.44 20.59 -6.88
CA SER C 131 20.04 21.46 -5.87
C SER C 131 21.01 20.74 -4.94
N LYS C 132 20.94 19.42 -4.81
CA LYS C 132 21.85 18.67 -3.94
C LYS C 132 23.14 18.38 -4.69
N ASP C 133 24.27 18.62 -4.03
CA ASP C 133 25.57 18.35 -4.63
C ASP C 133 25.78 16.85 -4.78
N GLY C 134 26.25 16.43 -5.96
CA GLY C 134 26.49 15.03 -6.22
C GLY C 134 27.47 14.78 -7.35
N GLU C 135 28.44 13.91 -7.10
CA GLU C 135 29.43 13.59 -8.13
C GLU C 135 28.80 12.71 -9.21
N THR C 136 28.95 13.11 -10.46
CA THR C 136 28.53 12.33 -11.62
C THR C 136 29.78 11.95 -12.41
N LYS C 137 30.15 10.68 -12.36
CA LYS C 137 31.33 10.21 -13.09
C LYS C 137 31.02 10.14 -14.58
N CYS C 138 31.96 10.63 -15.39
CA CYS C 138 31.79 10.64 -16.83
C CYS C 138 31.89 9.21 -17.37
N SER C 139 30.83 8.78 -18.07
CA SER C 139 30.80 7.47 -18.71
C SER C 139 31.09 7.53 -20.20
N LEU C 140 31.31 8.73 -20.74
CA LEU C 140 31.55 8.88 -22.17
C LEU C 140 32.88 8.24 -22.55
N LYS C 141 32.87 7.56 -23.70
CA LYS C 141 34.05 6.89 -24.23
C LYS C 141 34.54 7.72 -25.43
N CYS C 142 35.41 8.69 -25.16
CA CYS C 142 35.96 9.56 -26.19
C CYS C 142 37.11 8.84 -26.87
N LEU C 143 36.80 8.14 -27.96
CA LEU C 143 37.77 7.32 -28.67
C LEU C 143 38.32 7.99 -29.92
N LYS C 144 38.12 9.30 -30.08
CA LYS C 144 38.75 10.00 -31.19
C LYS C 144 40.21 10.30 -30.85
N GLU C 145 40.91 10.87 -31.84
CA GLU C 145 42.33 11.15 -31.69
C GLU C 145 42.55 12.28 -30.69
N GLN C 146 43.20 11.96 -29.57
CA GLN C 146 43.56 12.94 -28.54
C GLN C 146 42.33 13.66 -27.99
N GLU C 147 41.26 12.90 -27.75
CA GLU C 147 40.04 13.42 -27.15
C GLU C 147 39.83 12.82 -25.77
N THR C 148 39.18 13.60 -24.90
CA THR C 148 38.88 13.15 -23.55
C THR C 148 37.57 13.80 -23.11
N CYS C 149 37.05 13.32 -21.99
CA CYS C 149 35.79 13.83 -21.45
C CYS C 149 36.08 15.09 -20.62
N LYS C 150 35.67 16.24 -21.14
CA LYS C 150 35.82 17.51 -20.43
C LYS C 150 34.44 18.02 -20.02
N ALA C 151 34.42 18.76 -18.91
CA ALA C 151 33.19 19.36 -18.40
C ALA C 151 33.07 20.77 -18.98
N VAL C 152 32.12 20.94 -19.90
CA VAL C 152 31.94 22.20 -20.61
C VAL C 152 30.52 22.70 -20.34
N ASP C 153 30.42 23.83 -19.64
CA ASP C 153 29.14 24.52 -19.42
C ASP C 153 28.13 23.63 -18.70
N GLY C 154 28.62 22.84 -17.74
CA GLY C 154 27.75 22.04 -16.90
C GLY C 154 27.36 20.68 -17.45
N ILE C 155 27.83 20.31 -18.64
CA ILE C 155 27.54 19.02 -19.24
C ILE C 155 28.84 18.37 -19.70
N TYR C 156 28.92 17.06 -19.56
CA TYR C 156 30.09 16.32 -20.04
C TYR C 156 30.03 16.17 -21.55
N LYS C 157 31.19 16.28 -22.20
CA LYS C 157 31.28 16.09 -23.64
C LYS C 157 32.70 15.69 -23.98
N CYS C 158 32.86 15.12 -25.18
CA CYS C 158 34.18 14.77 -25.68
C CYS C 158 34.81 15.98 -26.36
N ASP C 159 36.07 16.24 -26.03
CA ASP C 159 36.79 17.36 -26.61
C ASP C 159 38.28 17.06 -26.55
N CYS C 160 39.07 17.93 -27.16
CA CYS C 160 40.51 17.73 -27.23
C CYS C 160 41.13 17.75 -25.84
N LYS C 161 42.34 17.18 -25.76
CA LYS C 161 43.03 17.07 -24.47
C LYS C 161 43.73 18.37 -24.11
N ASP C 162 44.70 18.29 -23.18
CA ASP C 162 45.29 19.50 -22.63
C ASP C 162 46.13 20.26 -23.64
N GLY C 163 46.71 19.56 -24.61
CA GLY C 163 47.62 20.20 -25.55
C GLY C 163 47.07 20.41 -26.94
N PHE C 164 46.22 19.49 -27.39
CA PHE C 164 45.69 19.52 -28.75
C PHE C 164 44.43 20.38 -28.80
N ILE C 165 44.09 20.82 -30.01
CA ILE C 165 42.93 21.68 -30.22
C ILE C 165 42.46 21.52 -31.66
N ILE C 166 41.17 21.78 -31.88
CA ILE C 166 40.50 21.69 -33.18
C ILE C 166 40.88 20.44 -33.95
N SER C 171 38.91 18.98 -37.94
CA SER C 171 38.18 17.71 -37.89
C SER C 171 38.80 16.74 -36.89
N ILE C 172 40.11 16.88 -36.68
CA ILE C 172 40.86 16.03 -35.76
C ILE C 172 41.64 16.93 -34.81
N CYS C 173 41.60 16.60 -33.52
CA CYS C 173 42.32 17.38 -32.51
C CYS C 173 43.81 17.37 -32.80
N THR C 174 44.41 18.57 -32.81
CA THR C 174 45.84 18.72 -33.05
C THR C 174 46.42 19.81 -32.16
C1 GOL D . -5.31 -4.66 8.32
O1 GOL D . -3.95 -4.91 8.18
C2 GOL D . -5.46 -3.18 8.79
O2 GOL D . -5.56 -3.08 10.17
C3 GOL D . -4.22 -2.45 8.23
O3 GOL D . -4.37 -1.10 8.56
C1 GOL E . 16.22 6.83 -17.85
O1 GOL E . 16.98 6.83 -16.68
C2 GOL E . 16.77 7.95 -18.74
O2 GOL E . 18.12 7.82 -18.98
C3 GOL E . 15.94 7.86 -20.04
O3 GOL E . 16.41 8.86 -20.89
#